data_7ROA
#
_entry.id   7ROA
#
_cell.length_a   62.394
_cell.length_b   32.064
_cell.length_c   49.992
_cell.angle_alpha   90.000
_cell.angle_beta   90.860
_cell.angle_gamma   90.000
#
_symmetry.space_group_name_H-M   'C 1 2 1'
#
loop_
_entity.id
_entity.type
_entity.pdbx_description
1 polymer EntV
2 water water
#
_entity_poly.entity_id   1
_entity_poly.type   'polypeptide(L)'
_entity_poly.pdbx_seq_one_letter_code
;SDQLEDSEVEAVAKGLEE(MSE)YANGVTEDNFKNYVKNNFAQQEISSVEEELNVNISDASTVVQARFNWNALGSCVANK
IKDEFFA(MSE)ISISAIVKAAQKKAWKELAVTVLRFAKANGLKTNAIIVAGQLALWAVQCGLS
;
_entity_poly.pdbx_strand_id   A
#
# COMPACT_ATOMS: atom_id res chain seq x y z
N GLN A 3 -11.57 -8.50 -13.56
CA GLN A 3 -11.20 -8.59 -12.15
C GLN A 3 -11.30 -7.25 -11.43
N LEU A 4 -10.24 -6.45 -11.50
CA LEU A 4 -10.15 -5.19 -10.77
C LEU A 4 -10.79 -4.05 -11.56
N GLU A 5 -11.57 -3.22 -10.87
CA GLU A 5 -12.18 -2.07 -11.52
C GLU A 5 -11.10 -1.05 -11.87
N ASP A 6 -11.05 -0.65 -13.15
CA ASP A 6 -9.92 0.16 -13.60
C ASP A 6 -9.93 1.56 -12.99
N SER A 7 -11.10 2.10 -12.65
CA SER A 7 -11.12 3.42 -12.02
C SER A 7 -10.46 3.36 -10.64
N GLU A 8 -10.71 2.28 -9.89
CA GLU A 8 -10.06 2.13 -8.59
C GLU A 8 -8.57 1.89 -8.76
N VAL A 9 -8.18 1.13 -9.79
CA VAL A 9 -6.76 0.91 -10.06
C VAL A 9 -6.07 2.25 -10.33
N GLU A 10 -6.68 3.09 -11.18
CA GLU A 10 -6.05 4.37 -11.50
C GLU A 10 -6.03 5.31 -10.31
N ALA A 11 -7.06 5.27 -9.46
CA ALA A 11 -7.04 6.09 -8.25
C ALA A 11 -5.91 5.65 -7.32
N VAL A 12 -5.71 4.33 -7.21
CA VAL A 12 -4.61 3.82 -6.40
C VAL A 12 -3.27 4.19 -7.03
N ALA A 13 -3.15 4.05 -8.35
CA ALA A 13 -1.89 4.39 -9.00
C ALA A 13 -1.56 5.86 -8.81
N LYS A 14 -2.58 6.72 -8.88
CA LYS A 14 -2.32 8.14 -8.72
C LYS A 14 -1.89 8.45 -7.29
N GLY A 15 -2.52 7.81 -6.32
CA GLY A 15 -2.10 7.99 -4.94
C GLY A 15 -0.68 7.53 -4.70
N LEU A 16 -0.32 6.35 -5.24
CA LEU A 16 1.05 5.88 -5.11
C LEU A 16 2.03 6.85 -5.72
N GLU A 17 1.70 7.38 -6.90
CA GLU A 17 2.58 8.33 -7.58
C GLU A 17 2.75 9.59 -6.75
N GLU A 18 1.68 10.10 -6.15
CA GLU A 18 1.80 11.28 -5.31
C GLU A 18 2.56 10.98 -4.01
N TYR A 20 4.73 8.68 -3.28
CA TYR A 20 6.07 8.11 -3.42
C TYR A 20 6.87 8.72 -4.57
N ALA A 21 6.50 9.91 -5.02
CA ALA A 21 7.23 10.54 -6.11
C ALA A 21 8.69 10.75 -5.74
N ASN A 22 8.98 10.99 -4.47
CA ASN A 22 10.33 11.27 -4.00
C ASN A 22 10.93 10.11 -3.23
N GLY A 23 10.34 8.92 -3.34
CA GLY A 23 10.89 7.74 -2.71
C GLY A 23 9.84 7.03 -1.88
N VAL A 24 9.97 5.72 -1.81
CA VAL A 24 9.10 4.90 -0.96
C VAL A 24 9.73 4.92 0.43
N THR A 25 9.23 5.78 1.32
CA THR A 25 9.70 5.84 2.70
C THR A 25 8.50 5.86 3.65
N GLU A 26 8.73 5.43 4.88
CA GLU A 26 7.65 5.43 5.86
C GLU A 26 7.11 6.84 6.06
N ASP A 27 8.00 7.83 6.11
CA ASP A 27 7.54 9.20 6.33
C ASP A 27 6.68 9.69 5.18
N ASN A 28 7.06 9.38 3.93
CA ASN A 28 6.27 9.83 2.79
C ASN A 28 4.88 9.20 2.79
N PHE A 29 4.80 7.93 3.18
CA PHE A 29 3.53 7.25 3.30
C PHE A 29 2.66 7.89 4.38
N LYS A 30 3.19 7.99 5.61
CA LYS A 30 2.36 8.44 6.70
C LYS A 30 1.93 9.89 6.52
N ASN A 31 2.83 10.75 6.05
CA ASN A 31 2.48 12.16 5.91
C ASN A 31 1.48 12.36 4.79
N TYR A 32 1.63 11.62 3.69
CA TYR A 32 0.63 11.68 2.64
C TYR A 32 -0.72 11.23 3.14
N VAL A 33 -0.77 10.11 3.86
CA VAL A 33 -2.05 9.60 4.35
C VAL A 33 -2.69 10.58 5.33
N LYS A 34 -1.91 11.07 6.30
CA LYS A 34 -2.49 12.00 7.26
C LYS A 34 -2.93 13.30 6.61
N ASN A 35 -2.29 13.69 5.51
CA ASN A 35 -2.66 14.95 4.87
C ASN A 35 -3.85 14.81 3.93
N ASN A 36 -4.26 13.59 3.57
CA ASN A 36 -5.22 13.41 2.49
C ASN A 36 -6.45 12.57 2.85
N PHE A 37 -6.50 11.95 4.02
CA PHE A 37 -7.60 11.08 4.39
C PHE A 37 -8.11 11.42 5.78
N ALA A 38 -9.41 11.26 5.97
CA ALA A 38 -10.01 11.50 7.27
C ALA A 38 -9.57 10.45 8.27
N GLN A 39 -9.55 10.85 9.54
CA GLN A 39 -9.12 9.96 10.62
C GLN A 39 -9.85 8.62 10.56
N GLN A 40 -11.17 8.66 10.38
CA GLN A 40 -11.98 7.46 10.30
C GLN A 40 -11.47 6.49 9.24
N GLU A 41 -11.18 7.00 8.04
CA GLU A 41 -10.64 6.15 6.98
C GLU A 41 -9.30 5.55 7.40
N ILE A 42 -8.44 6.35 8.00
CA ILE A 42 -7.14 5.87 8.45
C ILE A 42 -7.32 4.80 9.51
N SER A 43 -8.21 5.03 10.48
CA SER A 43 -8.41 4.09 11.58
C SER A 43 -8.87 2.72 11.09
N SER A 44 -9.73 2.70 10.07
CA SER A 44 -10.20 1.44 9.50
C SER A 44 -9.05 0.62 8.93
N VAL A 45 -8.12 1.27 8.24
CA VAL A 45 -6.96 0.56 7.71
C VAL A 45 -6.06 0.07 8.83
N GLU A 46 -5.85 0.91 9.84
CA GLU A 46 -5.02 0.50 10.97
C GLU A 46 -5.57 -0.75 11.62
N GLU A 47 -6.90 -0.86 11.74
CA GLU A 47 -7.47 -2.03 12.39
C GLU A 47 -7.39 -3.24 11.48
N GLU A 48 -7.65 -3.06 10.18
CA GLU A 48 -7.61 -4.18 9.26
C GLU A 48 -6.21 -4.76 9.14
N LEU A 49 -5.20 -3.90 8.98
CA LEU A 49 -3.84 -4.36 8.73
C LEU A 49 -2.99 -4.51 9.98
N ASN A 50 -3.48 -4.09 11.14
CA ASN A 50 -2.70 -4.01 12.38
C ASN A 50 -1.42 -3.21 12.18
N VAL A 51 -1.60 -1.97 11.74
CA VAL A 51 -0.48 -1.05 11.53
C VAL A 51 -0.84 0.25 12.22
N ASN A 52 0.21 1.04 12.49
CA ASN A 52 0.07 2.38 13.04
C ASN A 52 0.44 3.37 11.96
N ILE A 53 -0.49 4.26 11.62
CA ILE A 53 -0.28 5.29 10.61
C ILE A 53 -0.36 6.68 11.21
N SER A 54 -1.39 6.95 12.00
CA SER A 54 -1.54 8.22 12.71
C SER A 54 -1.34 7.95 14.20
N ASP A 55 -0.29 8.54 14.76
CA ASP A 55 0.08 8.23 16.14
C ASP A 55 -0.76 9.01 17.13
N SER A 71 11.47 -0.25 11.92
CA SER A 71 10.90 -0.30 10.58
C SER A 71 10.11 -1.58 10.36
N CYS A 72 10.81 -2.71 10.39
CA CYS A 72 10.25 -4.01 10.08
C CYS A 72 10.04 -4.78 11.38
N VAL A 73 8.79 -5.05 11.72
CA VAL A 73 8.45 -5.98 12.80
C VAL A 73 7.34 -6.91 12.32
N ALA A 74 7.15 -8.00 13.08
CA ALA A 74 6.24 -9.06 12.68
C ALA A 74 4.84 -8.53 12.45
N ASN A 75 4.21 -9.02 11.38
CA ASN A 75 2.84 -8.65 11.02
C ASN A 75 2.24 -9.78 10.22
N LYS A 76 1.18 -10.40 10.75
CA LYS A 76 0.32 -11.34 10.02
C LYS A 76 0.17 -11.10 8.54
N ILE A 77 -0.43 -9.96 8.23
CA ILE A 77 -0.82 -9.70 6.85
C ILE A 77 0.41 -9.52 5.99
N LYS A 78 1.45 -8.86 6.53
CA LYS A 78 2.67 -8.67 5.79
C LYS A 78 3.29 -10.02 5.41
N ASP A 79 3.26 -10.98 6.34
CA ASP A 79 3.87 -12.25 6.02
C ASP A 79 3.06 -13.00 4.97
N GLU A 80 1.73 -12.93 5.03
CA GLU A 80 0.93 -13.57 3.99
C GLU A 80 1.12 -12.86 2.66
N PHE A 81 1.27 -11.55 2.68
CA PHE A 81 1.58 -10.78 1.47
C PHE A 81 2.89 -11.23 0.84
N PHE A 82 3.96 -11.34 1.64
CA PHE A 82 5.26 -11.75 1.10
C PHE A 82 5.25 -13.20 0.63
N ALA A 83 4.39 -14.04 1.21
CA ALA A 83 4.35 -15.43 0.75
C ALA A 83 3.65 -15.58 -0.60
N ILE A 85 2.99 -12.66 -3.01
CA ILE A 85 3.36 -11.65 -3.98
C ILE A 85 4.87 -11.44 -3.94
N SER A 86 5.49 -11.42 -5.11
CA SER A 86 6.94 -11.26 -5.21
C SER A 86 7.34 -9.85 -4.78
N ILE A 87 8.20 -9.78 -3.75
CA ILE A 87 8.80 -8.50 -3.38
C ILE A 87 9.56 -7.91 -4.54
N SER A 88 10.30 -8.75 -5.27
CA SER A 88 11.06 -8.28 -6.41
C SER A 88 10.16 -7.63 -7.46
N ALA A 89 8.98 -8.20 -7.71
CA ALA A 89 8.07 -7.61 -8.68
C ALA A 89 7.60 -6.23 -8.23
N ILE A 90 7.31 -6.07 -6.94
CA ILE A 90 6.85 -4.79 -6.42
C ILE A 90 7.96 -3.74 -6.50
N VAL A 91 9.14 -4.07 -5.98
CA VAL A 91 10.25 -3.12 -5.95
C VAL A 91 10.64 -2.68 -7.37
N LYS A 92 10.64 -3.62 -8.31
CA LYS A 92 10.88 -3.29 -9.72
C LYS A 92 9.85 -2.30 -10.26
N ALA A 93 8.57 -2.52 -9.95
CA ALA A 93 7.54 -1.59 -10.41
C ALA A 93 7.77 -0.19 -9.86
N ALA A 94 8.13 -0.10 -8.57
CA ALA A 94 8.33 1.21 -7.97
C ALA A 94 9.59 1.88 -8.51
N GLN A 95 10.63 1.08 -8.78
CA GLN A 95 11.86 1.61 -9.36
C GLN A 95 11.59 2.26 -10.71
N LYS A 96 10.70 1.65 -11.51
CA LYS A 96 10.37 2.18 -12.82
C LYS A 96 9.25 3.21 -12.79
N LYS A 97 8.70 3.51 -11.61
CA LYS A 97 7.54 4.39 -11.48
C LYS A 97 6.36 3.87 -12.30
N ALA A 98 6.28 2.54 -12.44
CA ALA A 98 5.16 1.87 -13.08
C ALA A 98 4.05 1.71 -12.03
N TRP A 99 3.47 2.85 -11.66
CA TRP A 99 2.57 2.88 -10.51
C TRP A 99 1.31 2.08 -10.75
N LYS A 100 0.88 1.95 -12.02
CA LYS A 100 -0.35 1.20 -12.22
C LYS A 100 -0.06 -0.30 -12.23
N GLU A 101 1.11 -0.69 -12.73
CA GLU A 101 1.59 -2.06 -12.53
C GLU A 101 1.64 -2.40 -11.04
N LEU A 102 2.24 -1.52 -10.23
CA LEU A 102 2.30 -1.76 -8.79
C LEU A 102 0.90 -1.89 -8.20
N ALA A 103 -0.01 -1.01 -8.61
CA ALA A 103 -1.35 -1.01 -8.03
C ALA A 103 -2.07 -2.32 -8.30
N VAL A 104 -2.01 -2.81 -9.54
CA VAL A 104 -2.76 -4.04 -9.83
C VAL A 104 -2.18 -5.21 -9.06
N THR A 105 -0.87 -5.19 -8.83
CA THR A 105 -0.24 -6.30 -8.12
C THR A 105 -0.66 -6.33 -6.65
N VAL A 106 -0.60 -5.19 -5.96
CA VAL A 106 -0.99 -5.21 -4.55
C VAL A 106 -2.52 -5.24 -4.40
N LEU A 107 -3.27 -4.69 -5.34
CA LEU A 107 -4.73 -4.75 -5.22
C LEU A 107 -5.24 -6.18 -5.44
N ARG A 108 -4.55 -6.96 -6.26
CA ARG A 108 -4.95 -8.34 -6.44
C ARG A 108 -4.81 -9.11 -5.13
N PHE A 109 -3.75 -8.83 -4.37
CA PHE A 109 -3.61 -9.44 -3.05
C PHE A 109 -4.72 -8.97 -2.11
N ALA A 110 -5.06 -7.67 -2.13
CA ALA A 110 -5.99 -7.13 -1.15
C ALA A 110 -7.40 -7.66 -1.37
N LYS A 111 -7.90 -7.60 -2.61
CA LYS A 111 -9.27 -8.04 -2.87
C LYS A 111 -9.43 -9.52 -2.58
N ALA A 112 -8.37 -10.32 -2.84
CA ALA A 112 -8.43 -11.74 -2.53
C ALA A 112 -8.65 -11.96 -1.04
N ASN A 113 -7.95 -11.20 -0.21
CA ASN A 113 -7.90 -11.45 1.22
C ASN A 113 -8.92 -10.63 2.00
N GLY A 114 -9.91 -10.07 1.33
CA GLY A 114 -10.94 -9.32 2.03
C GLY A 114 -10.44 -8.07 2.71
N LEU A 115 -9.36 -7.48 2.20
CA LEU A 115 -8.88 -6.21 2.72
C LEU A 115 -9.72 -5.13 2.05
N LYS A 116 -10.80 -4.73 2.70
CA LYS A 116 -11.79 -3.87 2.07
C LYS A 116 -11.70 -2.42 2.50
N THR A 117 -10.75 -2.06 3.37
CA THR A 117 -10.59 -0.67 3.74
C THR A 117 -9.96 0.09 2.57
N ASN A 118 -9.81 1.41 2.74
CA ASN A 118 -9.39 2.32 1.70
C ASN A 118 -8.23 1.77 0.88
N ALA A 119 -8.46 1.59 -0.43
CA ALA A 119 -7.49 0.86 -1.25
C ALA A 119 -6.22 1.66 -1.47
N ILE A 120 -6.31 2.98 -1.44
CA ILE A 120 -5.11 3.79 -1.64
C ILE A 120 -4.19 3.68 -0.44
N ILE A 121 -4.75 3.75 0.76
CA ILE A 121 -3.94 3.58 1.96
C ILE A 121 -3.39 2.17 2.03
N VAL A 122 -4.26 1.17 1.79
CA VAL A 122 -3.78 -0.21 1.83
C VAL A 122 -2.65 -0.42 0.83
N ALA A 123 -2.84 0.01 -0.42
CA ALA A 123 -1.79 -0.18 -1.42
C ALA A 123 -0.51 0.52 -0.99
N GLY A 124 -0.64 1.71 -0.42
CA GLY A 124 0.55 2.42 0.04
C GLY A 124 1.31 1.63 1.09
N GLN A 125 0.57 1.03 2.05
CA GLN A 125 1.24 0.25 3.09
C GLN A 125 1.87 -1.00 2.52
N LEU A 126 1.20 -1.66 1.58
CA LEU A 126 1.79 -2.87 0.99
C LEU A 126 3.07 -2.54 0.24
N ALA A 127 3.06 -1.44 -0.53
CA ALA A 127 4.26 -1.04 -1.25
C ALA A 127 5.40 -0.68 -0.31
N LEU A 128 5.08 0.01 0.78
CA LEU A 128 6.08 0.35 1.78
C LEU A 128 6.69 -0.89 2.39
N TRP A 129 5.85 -1.86 2.76
CA TRP A 129 6.36 -3.10 3.33
C TRP A 129 7.34 -3.77 2.41
N ALA A 130 6.99 -3.86 1.12
CA ALA A 130 7.88 -4.52 0.16
C ALA A 130 9.24 -3.82 0.09
N VAL A 131 9.25 -2.49 0.05
CA VAL A 131 10.51 -1.76 -0.15
C VAL A 131 11.32 -1.73 1.13
N GLN A 132 10.69 -1.40 2.26
CA GLN A 132 11.45 -1.22 3.48
C GLN A 132 11.73 -2.53 4.20
N CYS A 133 10.96 -3.59 3.95
CA CYS A 133 11.17 -4.86 4.62
C CYS A 133 11.63 -5.96 3.67
N GLY A 134 11.68 -5.72 2.37
CA GLY A 134 12.12 -6.72 1.42
C GLY A 134 13.61 -6.73 1.18
#